data_8BVZ
#
_entry.id   8BVZ
#
_entity_poly.entity_id   1
_entity_poly.type   'polypeptide(L)'
_entity_poly.pdbx_seq_one_letter_code
;SGQKGKQQTESKGSFSIQY
;
_entity_poly.pdbx_strand_id   A
#
# COMPACT_ATOMS: atom_id res chain seq x y z
N SER A 1 -2.18 -5.47 9.30
CA SER A 1 -2.99 -6.47 8.58
C SER A 1 -4.09 -5.78 7.78
N GLY A 2 -4.80 -6.56 6.97
CA GLY A 2 -5.86 -6.02 6.16
C GLY A 2 -5.38 -5.61 4.80
N GLN A 3 -6.17 -4.82 4.10
CA GLN A 3 -5.84 -4.38 2.78
C GLN A 3 -4.99 -3.11 2.82
N LYS A 4 -3.83 -3.16 2.20
CA LYS A 4 -2.96 -2.00 2.13
C LYS A 4 -3.37 -1.10 0.99
N GLY A 5 -2.60 -0.04 0.78
CA GLY A 5 -2.84 0.83 -0.34
C GLY A 5 -2.28 0.22 -1.61
N LYS A 6 -1.87 1.05 -2.52
CA LYS A 6 -1.34 0.56 -3.77
C LYS A 6 0.14 0.24 -3.64
N GLN A 7 0.44 -1.03 -3.50
CA GLN A 7 1.79 -1.50 -3.39
C GLN A 7 2.41 -1.64 -4.77
N GLN A 8 3.18 -0.65 -5.16
CA GLN A 8 3.81 -0.62 -6.46
C GLN A 8 4.99 -1.60 -6.51
N THR A 9 5.48 -1.87 -7.70
CA THR A 9 6.62 -2.73 -7.85
C THR A 9 7.89 -1.91 -7.82
N GLU A 10 7.81 -0.73 -8.45
CA GLU A 10 8.94 0.16 -8.55
C GLU A 10 9.20 0.84 -7.21
N SER A 11 8.13 1.27 -6.58
CA SER A 11 8.20 1.94 -5.31
C SER A 11 7.30 1.23 -4.32
N LYS A 12 7.30 1.68 -3.08
CA LYS A 12 6.45 1.07 -2.08
C LYS A 12 5.06 1.72 -2.09
N GLY A 13 4.89 2.71 -2.96
CA GLY A 13 3.63 3.41 -3.05
C GLY A 13 3.51 4.45 -1.96
N SER A 14 2.64 4.21 -1.02
CA SER A 14 2.45 5.11 0.10
C SER A 14 2.08 4.33 1.35
N PHE A 15 2.55 4.79 2.50
CA PHE A 15 2.25 4.11 3.75
C PHE A 15 0.83 4.42 4.19
N SER A 16 -0.07 3.55 3.83
CA SER A 16 -1.46 3.71 4.17
C SER A 16 -2.21 2.41 4.00
N ILE A 17 -2.89 1.97 5.04
CA ILE A 17 -3.72 0.78 4.97
C ILE A 17 -5.14 1.21 4.62
N GLN A 18 -5.69 0.61 3.59
CA GLN A 18 -6.99 1.00 3.10
C GLN A 18 -8.10 0.30 3.84
N TYR A 19 -9.11 1.05 4.20
CA TYR A 19 -10.21 0.56 4.97
C TYR A 19 -11.53 1.12 4.44
N SER A 1 -3.08 -6.94 8.86
CA SER A 1 -3.88 -6.16 7.92
C SER A 1 -3.55 -6.56 6.49
N GLY A 2 -4.45 -7.29 5.85
CA GLY A 2 -4.23 -7.72 4.49
C GLY A 2 -4.43 -6.60 3.51
N GLN A 3 -5.42 -5.77 3.78
CA GLN A 3 -5.73 -4.63 2.92
C GLN A 3 -4.72 -3.52 3.14
N LYS A 4 -4.23 -2.94 2.07
CA LYS A 4 -3.24 -1.88 2.15
C LYS A 4 -3.42 -0.94 0.98
N GLY A 5 -2.59 0.08 0.93
CA GLY A 5 -2.66 1.04 -0.14
C GLY A 5 -2.11 0.47 -1.42
N LYS A 6 -2.04 1.28 -2.43
CA LYS A 6 -1.55 0.82 -3.70
C LYS A 6 -0.03 0.73 -3.67
N GLN A 7 0.46 -0.49 -3.51
CA GLN A 7 1.88 -0.73 -3.47
C GLN A 7 2.43 -0.87 -4.88
N GLN A 8 3.45 -0.12 -5.17
CA GLN A 8 4.05 -0.12 -6.49
C GLN A 8 4.99 -1.29 -6.66
N THR A 9 5.39 -1.55 -7.89
CA THR A 9 6.30 -2.60 -8.19
C THR A 9 7.74 -2.09 -8.06
N GLU A 10 7.92 -0.81 -8.31
CA GLU A 10 9.22 -0.18 -8.20
C GLU A 10 9.41 0.38 -6.79
N SER A 11 8.48 1.21 -6.36
CA SER A 11 8.53 1.78 -5.03
C SER A 11 7.61 1.00 -4.09
N LYS A 12 7.62 1.36 -2.81
CA LYS A 12 6.78 0.71 -1.83
C LYS A 12 5.33 1.17 -1.98
N GLY A 13 5.16 2.33 -2.59
CA GLY A 13 3.85 2.84 -2.85
C GLY A 13 3.39 3.82 -1.79
N SER A 14 2.10 4.04 -1.74
CA SER A 14 1.53 4.98 -0.81
C SER A 14 1.42 4.37 0.58
N PHE A 15 1.98 5.05 1.57
CA PHE A 15 1.93 4.55 2.93
C PHE A 15 0.57 4.84 3.53
N SER A 16 -0.30 3.86 3.41
CA SER A 16 -1.63 3.94 3.96
C SER A 16 -2.24 2.56 3.97
N ILE A 17 -2.29 1.96 5.13
CA ILE A 17 -2.85 0.63 5.24
C ILE A 17 -4.37 0.72 5.33
N GLN A 18 -5.04 -0.06 4.50
CA GLN A 18 -6.46 -0.01 4.39
C GLN A 18 -7.15 -0.87 5.42
N TYR A 19 -8.28 -0.40 5.87
CA TYR A 19 -9.04 -1.03 6.92
C TYR A 19 -10.49 -1.14 6.49
N SER A 1 -5.73 -5.48 10.92
CA SER A 1 -5.41 -6.19 9.68
C SER A 1 -6.41 -5.83 8.59
N GLY A 2 -5.92 -5.49 7.42
CA GLY A 2 -6.78 -5.10 6.32
C GLY A 2 -6.03 -4.98 5.02
N GLN A 3 -6.69 -4.48 4.01
CA GLN A 3 -6.09 -4.31 2.70
C GLN A 3 -5.15 -3.12 2.70
N LYS A 4 -3.94 -3.34 2.23
CA LYS A 4 -2.95 -2.29 2.17
C LYS A 4 -3.19 -1.40 0.95
N GLY A 5 -2.40 -0.35 0.83
CA GLY A 5 -2.47 0.47 -0.34
C GLY A 5 -1.82 -0.26 -1.48
N LYS A 6 -2.12 0.13 -2.69
CA LYS A 6 -1.58 -0.56 -3.83
C LYS A 6 -0.11 -0.22 -4.03
N GLN A 7 0.75 -1.11 -3.57
CA GLN A 7 2.17 -0.96 -3.66
C GLN A 7 2.68 -1.52 -4.97
N GLN A 8 3.25 -0.66 -5.77
CA GLN A 8 3.78 -1.05 -7.06
C GLN A 8 5.16 -1.67 -6.87
N THR A 9 5.69 -2.24 -7.93
CA THR A 9 7.00 -2.84 -7.87
C THR A 9 8.09 -1.83 -8.19
N GLU A 10 7.67 -0.58 -8.39
CA GLU A 10 8.59 0.50 -8.67
C GLU A 10 8.93 1.25 -7.38
N SER A 11 8.01 1.23 -6.43
CA SER A 11 8.19 1.93 -5.17
C SER A 11 7.17 1.42 -4.15
N LYS A 12 7.39 1.76 -2.88
CA LYS A 12 6.47 1.35 -1.84
C LYS A 12 5.18 2.17 -1.91
N GLY A 13 5.31 3.37 -2.45
CA GLY A 13 4.16 4.22 -2.62
C GLY A 13 3.67 4.81 -1.32
N SER A 14 2.37 4.89 -1.18
CA SER A 14 1.76 5.43 0.02
C SER A 14 1.72 4.37 1.10
N PHE A 15 2.35 4.65 2.23
CA PHE A 15 2.33 3.71 3.32
C PHE A 15 1.08 3.93 4.13
N SER A 16 0.04 3.20 3.81
CA SER A 16 -1.22 3.31 4.48
C SER A 16 -2.09 2.09 4.20
N ILE A 17 -2.80 1.64 5.21
CA ILE A 17 -3.71 0.54 5.03
C ILE A 17 -5.09 1.09 4.73
N GLN A 18 -5.60 0.75 3.57
CA GLN A 18 -6.86 1.26 3.13
C GLN A 18 -8.01 0.43 3.68
N TYR A 19 -8.75 1.04 4.56
CA TYR A 19 -9.87 0.41 5.21
C TYR A 19 -11.14 0.59 4.38
N SER A 1 -5.93 -2.58 9.02
CA SER A 1 -4.72 -3.33 8.64
C SER A 1 -5.03 -4.31 7.52
N GLY A 2 -4.02 -5.05 7.08
CA GLY A 2 -4.23 -6.03 6.04
C GLY A 2 -3.93 -5.48 4.67
N GLN A 3 -4.97 -4.99 3.99
CA GLN A 3 -4.80 -4.46 2.65
C GLN A 3 -4.33 -3.02 2.69
N LYS A 4 -3.24 -2.74 2.00
CA LYS A 4 -2.71 -1.40 1.94
C LYS A 4 -3.38 -0.61 0.82
N GLY A 5 -2.85 0.56 0.56
CA GLY A 5 -3.37 1.40 -0.49
C GLY A 5 -2.89 0.98 -1.86
N LYS A 6 -2.36 1.92 -2.59
CA LYS A 6 -1.84 1.63 -3.90
C LYS A 6 -0.41 1.16 -3.80
N GLN A 7 -0.23 -0.14 -3.88
CA GLN A 7 1.07 -0.74 -3.81
C GLN A 7 1.70 -0.83 -5.18
N GLN A 8 2.85 -0.24 -5.33
CA GLN A 8 3.58 -0.29 -6.59
C GLN A 8 4.57 -1.44 -6.58
N THR A 9 5.10 -1.78 -7.74
CA THR A 9 6.06 -2.85 -7.84
C THR A 9 7.48 -2.32 -7.66
N GLU A 10 7.74 -1.14 -8.24
CA GLU A 10 9.07 -0.55 -8.20
C GLU A 10 9.27 0.32 -6.96
N SER A 11 8.27 0.37 -6.11
CA SER A 11 8.34 1.16 -4.91
C SER A 11 7.46 0.57 -3.81
N LYS A 12 7.53 1.15 -2.63
CA LYS A 12 6.75 0.68 -1.49
C LYS A 12 5.36 1.31 -1.51
N GLY A 13 5.09 2.08 -2.55
CA GLY A 13 3.81 2.73 -2.68
C GLY A 13 3.67 3.89 -1.74
N SER A 14 2.74 3.79 -0.83
CA SER A 14 2.53 4.81 0.17
C SER A 14 2.08 4.17 1.47
N PHE A 15 2.44 4.77 2.60
CA PHE A 15 2.03 4.22 3.88
C PHE A 15 0.61 4.60 4.16
N SER A 16 -0.30 3.74 3.76
CA SER A 16 -1.72 3.94 3.96
C SER A 16 -2.43 2.61 3.80
N ILE A 17 -3.22 2.25 4.79
CA ILE A 17 -3.99 1.02 4.72
C ILE A 17 -5.43 1.34 4.37
N GLN A 18 -5.96 0.66 3.37
CA GLN A 18 -7.32 0.89 2.95
C GLN A 18 -8.27 -0.02 3.69
N TYR A 19 -9.35 0.57 4.18
CA TYR A 19 -10.34 -0.17 4.95
C TYR A 19 -11.55 -0.49 4.07
N SER A 1 -1.75 -5.04 8.61
CA SER A 1 -3.03 -5.70 8.89
C SER A 1 -4.12 -5.12 8.01
N GLY A 2 -4.82 -6.00 7.30
CA GLY A 2 -5.87 -5.56 6.43
C GLY A 2 -5.37 -5.25 5.05
N GLN A 3 -6.18 -4.57 4.28
CA GLN A 3 -5.79 -4.18 2.93
C GLN A 3 -4.85 -3.01 2.99
N LYS A 4 -3.74 -3.10 2.29
CA LYS A 4 -2.79 -2.03 2.23
C LYS A 4 -3.15 -1.04 1.15
N GLY A 5 -2.31 -0.04 0.98
CA GLY A 5 -2.52 0.92 -0.08
C GLY A 5 -2.09 0.37 -1.41
N LYS A 6 -1.74 1.23 -2.32
CA LYS A 6 -1.34 0.80 -3.64
C LYS A 6 0.13 0.38 -3.65
N GLN A 7 0.33 -0.94 -3.63
CA GLN A 7 1.66 -1.50 -3.69
C GLN A 7 2.20 -1.39 -5.10
N GLN A 8 3.12 -0.46 -5.31
CA GLN A 8 3.71 -0.26 -6.61
C GLN A 8 4.87 -1.20 -6.84
N THR A 9 5.38 -1.24 -8.06
CA THR A 9 6.50 -2.08 -8.40
C THR A 9 7.81 -1.31 -8.26
N GLU A 10 7.79 -0.04 -8.65
CA GLU A 10 8.96 0.81 -8.61
C GLU A 10 9.28 1.25 -7.19
N SER A 11 8.29 1.21 -6.33
CA SER A 11 8.44 1.61 -4.96
C SER A 11 7.46 0.83 -4.09
N LYS A 12 7.50 1.07 -2.79
CA LYS A 12 6.58 0.42 -1.87
C LYS A 12 5.17 0.99 -2.04
N GLY A 13 5.07 2.05 -2.82
CA GLY A 13 3.80 2.66 -3.09
C GLY A 13 3.50 3.78 -2.13
N SER A 14 2.65 3.52 -1.18
CA SER A 14 2.26 4.51 -0.21
C SER A 14 2.00 3.85 1.14
N PHE A 15 2.38 4.52 2.21
CA PHE A 15 2.19 3.97 3.54
C PHE A 15 0.81 4.30 4.07
N SER A 16 -0.11 3.38 3.86
CA SER A 16 -1.47 3.52 4.34
C SER A 16 -2.20 2.19 4.25
N ILE A 17 -3.02 1.92 5.22
CA ILE A 17 -3.87 0.74 5.19
C ILE A 17 -5.27 1.14 4.76
N GLN A 18 -5.74 0.53 3.69
CA GLN A 18 -7.01 0.87 3.12
C GLN A 18 -8.14 0.03 3.71
N TYR A 19 -9.27 0.66 3.84
CA TYR A 19 -10.45 0.02 4.39
C TYR A 19 -11.26 -0.64 3.27
N SER A 1 -3.63 -6.26 9.23
CA SER A 1 -4.63 -6.04 8.17
C SER A 1 -4.19 -6.68 6.85
N GLY A 2 -5.11 -7.39 6.21
CA GLY A 2 -4.82 -8.03 4.95
C GLY A 2 -4.70 -7.01 3.84
N GLN A 3 -5.43 -5.93 3.98
CA GLN A 3 -5.38 -4.84 3.02
C GLN A 3 -4.24 -3.91 3.36
N LYS A 4 -3.73 -3.22 2.36
CA LYS A 4 -2.61 -2.30 2.52
C LYS A 4 -2.72 -1.19 1.48
N GLY A 5 -1.63 -0.47 1.26
CA GLY A 5 -1.62 0.57 0.25
C GLY A 5 -1.49 0.00 -1.14
N LYS A 6 -1.22 0.84 -2.11
CA LYS A 6 -1.06 0.38 -3.47
C LYS A 6 0.35 -0.15 -3.69
N GLN A 7 0.47 -1.48 -3.65
CA GLN A 7 1.75 -2.13 -3.83
C GLN A 7 2.15 -2.13 -5.29
N GLN A 8 2.91 -1.13 -5.67
CA GLN A 8 3.38 -0.99 -7.04
C GLN A 8 4.69 -1.75 -7.22
N THR A 9 5.11 -1.90 -8.46
CA THR A 9 6.32 -2.65 -8.75
C THR A 9 7.57 -1.82 -8.46
N GLU A 10 7.41 -0.52 -8.54
CA GLU A 10 8.52 0.38 -8.33
C GLU A 10 8.76 0.57 -6.83
N SER A 11 7.73 1.02 -6.13
CA SER A 11 7.82 1.26 -4.72
C SER A 11 6.51 0.91 -4.01
N LYS A 12 6.53 0.95 -2.69
CA LYS A 12 5.35 0.66 -1.89
C LYS A 12 4.35 1.81 -1.95
N GLY A 13 4.84 2.98 -2.30
CA GLY A 13 4.00 4.14 -2.41
C GLY A 13 3.93 4.90 -1.12
N SER A 14 2.77 5.43 -0.81
CA SER A 14 2.58 6.18 0.41
C SER A 14 2.15 5.26 1.53
N PHE A 15 2.50 5.63 2.76
CA PHE A 15 2.11 4.84 3.91
C PHE A 15 0.67 5.11 4.27
N SER A 16 -0.20 4.28 3.75
CA SER A 16 -1.61 4.41 3.98
C SER A 16 -2.30 3.10 3.63
N ILE A 17 -2.71 2.37 4.65
CA ILE A 17 -3.39 1.11 4.45
C ILE A 17 -4.86 1.35 4.15
N GLN A 18 -5.29 0.91 2.98
CA GLN A 18 -6.66 1.11 2.57
C GLN A 18 -7.53 0.02 3.13
N TYR A 19 -8.22 0.37 4.18
CA TYR A 19 -9.07 -0.55 4.89
C TYR A 19 -10.53 -0.41 4.46
N SER A 1 -3.83 -6.21 10.94
CA SER A 1 -4.10 -6.96 9.69
C SER A 1 -5.18 -6.27 8.86
N GLY A 2 -4.83 -5.87 7.66
CA GLY A 2 -5.78 -5.22 6.80
C GLY A 2 -5.24 -5.08 5.39
N GLN A 3 -6.06 -4.60 4.49
CA GLN A 3 -5.65 -4.41 3.12
C GLN A 3 -4.77 -3.17 3.01
N LYS A 4 -3.59 -3.36 2.47
CA LYS A 4 -2.65 -2.26 2.30
C LYS A 4 -3.06 -1.37 1.15
N GLY A 5 -2.33 -0.28 0.97
CA GLY A 5 -2.55 0.56 -0.17
C GLY A 5 -1.97 -0.12 -1.38
N LYS A 6 -2.40 0.28 -2.55
CA LYS A 6 -1.91 -0.37 -3.75
C LYS A 6 -0.51 0.10 -4.07
N GLN A 7 0.46 -0.71 -3.68
CA GLN A 7 1.84 -0.41 -3.88
C GLN A 7 2.30 -0.93 -5.21
N GLN A 8 3.12 -0.16 -5.88
CA GLN A 8 3.66 -0.57 -7.16
C GLN A 8 4.86 -1.46 -6.96
N THR A 9 5.34 -2.03 -8.03
CA THR A 9 6.50 -2.87 -7.96
C THR A 9 7.77 -2.03 -7.95
N GLU A 10 7.73 -0.90 -8.62
CA GLU A 10 8.87 -0.01 -8.70
C GLU A 10 8.92 0.98 -7.53
N SER A 11 7.81 1.10 -6.81
CA SER A 11 7.74 2.01 -5.70
C SER A 11 6.74 1.52 -4.65
N LYS A 12 7.07 1.72 -3.39
CA LYS A 12 6.22 1.28 -2.29
C LYS A 12 5.02 2.21 -2.12
N GLY A 13 5.07 3.36 -2.77
CA GLY A 13 3.98 4.30 -2.71
C GLY A 13 3.96 5.08 -1.42
N SER A 14 3.09 4.70 -0.51
CA SER A 14 2.97 5.37 0.76
C SER A 14 2.60 4.37 1.84
N PHE A 15 2.88 4.70 3.09
CA PHE A 15 2.51 3.84 4.19
C PHE A 15 1.08 4.11 4.59
N SER A 16 0.18 3.31 4.06
CA SER A 16 -1.23 3.47 4.35
C SER A 16 -1.98 2.18 4.08
N ILE A 17 -2.82 1.80 5.01
CA ILE A 17 -3.67 0.64 4.86
C ILE A 17 -5.07 1.10 4.46
N GLN A 18 -5.44 0.82 3.23
CA GLN A 18 -6.71 1.27 2.69
C GLN A 18 -7.82 0.24 2.91
N TYR A 19 -8.99 0.73 3.26
CA TYR A 19 -10.14 -0.11 3.47
C TYR A 19 -10.88 -0.32 2.15
N SER A 1 -4.28 -3.97 8.25
CA SER A 1 -4.08 -5.41 8.35
C SER A 1 -4.40 -6.10 7.02
N GLY A 2 -3.38 -6.53 6.33
CA GLY A 2 -3.57 -7.21 5.06
C GLY A 2 -3.54 -6.28 3.88
N GLN A 3 -4.67 -5.65 3.59
CA GLN A 3 -4.77 -4.75 2.45
C GLN A 3 -4.19 -3.38 2.78
N LYS A 4 -3.03 -3.10 2.23
CA LYS A 4 -2.40 -1.81 2.40
C LYS A 4 -2.91 -0.83 1.34
N GLY A 5 -2.20 0.26 1.16
CA GLY A 5 -2.59 1.23 0.16
C GLY A 5 -2.20 0.78 -1.24
N LYS A 6 -1.85 1.73 -2.07
CA LYS A 6 -1.47 1.43 -3.43
C LYS A 6 -0.02 0.96 -3.48
N GLN A 7 0.15 -0.35 -3.62
CA GLN A 7 1.47 -0.95 -3.67
C GLN A 7 2.01 -0.92 -5.09
N GLN A 8 3.06 -0.15 -5.29
CA GLN A 8 3.70 -0.06 -6.58
C GLN A 8 4.69 -1.20 -6.77
N THR A 9 5.32 -1.25 -7.93
CA THR A 9 6.27 -2.28 -8.22
C THR A 9 7.68 -1.86 -7.84
N GLU A 10 8.04 -0.64 -8.20
CA GLU A 10 9.37 -0.11 -7.94
C GLU A 10 9.47 0.50 -6.55
N SER A 11 8.37 0.51 -5.85
CA SER A 11 8.32 1.08 -4.53
C SER A 11 7.09 0.58 -3.79
N LYS A 12 6.94 1.01 -2.55
CA LYS A 12 5.79 0.64 -1.75
C LYS A 12 4.55 1.40 -2.24
N GLY A 13 4.80 2.43 -3.05
CA GLY A 13 3.71 3.21 -3.62
C GLY A 13 3.21 4.26 -2.67
N SER A 14 2.46 3.83 -1.68
CA SER A 14 1.91 4.72 -0.69
C SER A 14 1.85 4.03 0.66
N PHE A 15 2.30 4.72 1.69
CA PHE A 15 2.28 4.14 3.02
C PHE A 15 0.94 4.39 3.67
N SER A 16 0.06 3.42 3.56
CA SER A 16 -1.26 3.52 4.13
C SER A 16 -1.89 2.14 4.24
N ILE A 17 -2.94 2.03 5.02
CA ILE A 17 -3.67 0.79 5.14
C ILE A 17 -5.11 1.05 4.74
N GLN A 18 -5.57 0.33 3.74
CA GLN A 18 -6.90 0.51 3.21
C GLN A 18 -7.90 -0.35 3.94
N TYR A 19 -8.87 0.31 4.55
CA TYR A 19 -9.88 -0.33 5.32
C TYR A 19 -11.12 -0.62 4.47
N SER A 1 -1.76 -6.62 7.75
CA SER A 1 -3.15 -6.16 7.54
C SER A 1 -3.71 -6.75 6.25
N GLY A 2 -5.01 -7.01 6.24
CA GLY A 2 -5.64 -7.56 5.05
C GLY A 2 -5.67 -6.53 3.95
N GLN A 3 -6.22 -5.37 4.26
CA GLN A 3 -6.23 -4.27 3.32
C GLN A 3 -4.96 -3.47 3.53
N LYS A 4 -4.51 -2.80 2.50
CA LYS A 4 -3.27 -2.06 2.60
C LYS A 4 -3.25 -0.94 1.58
N GLY A 5 -2.19 -0.15 1.59
CA GLY A 5 -2.07 0.92 0.64
C GLY A 5 -1.70 0.40 -0.71
N LYS A 6 -1.81 1.22 -1.72
CA LYS A 6 -1.49 0.82 -3.05
C LYS A 6 0.02 0.79 -3.24
N GLN A 7 0.58 -0.40 -3.17
CA GLN A 7 1.99 -0.58 -3.33
C GLN A 7 2.35 -0.78 -4.78
N GLN A 8 3.41 -0.13 -5.20
CA GLN A 8 3.89 -0.23 -6.57
C GLN A 8 4.84 -1.41 -6.70
N THR A 9 5.37 -1.59 -7.89
CA THR A 9 6.29 -2.67 -8.16
C THR A 9 7.73 -2.25 -7.82
N GLU A 10 8.18 -1.18 -8.45
CA GLU A 10 9.53 -0.69 -8.27
C GLU A 10 9.62 0.27 -7.10
N SER A 11 8.49 0.52 -6.47
CA SER A 11 8.42 1.43 -5.37
C SER A 11 7.57 0.83 -4.25
N LYS A 12 7.69 1.37 -3.05
CA LYS A 12 6.97 0.87 -1.91
C LYS A 12 5.50 1.28 -1.98
N GLY A 13 5.24 2.41 -2.62
CA GLY A 13 3.88 2.89 -2.76
C GLY A 13 3.52 3.87 -1.67
N SER A 14 2.32 4.41 -1.74
CA SER A 14 1.87 5.38 -0.77
C SER A 14 1.43 4.68 0.52
N PHE A 15 1.86 5.21 1.64
CA PHE A 15 1.52 4.64 2.92
C PHE A 15 0.12 5.03 3.32
N SER A 16 -0.82 4.17 3.01
CA SER A 16 -2.21 4.37 3.35
C SER A 16 -2.88 3.03 3.53
N ILE A 17 -2.64 2.41 4.67
CA ILE A 17 -3.21 1.11 4.96
C ILE A 17 -4.66 1.27 5.33
N GLN A 18 -5.52 0.65 4.55
CA GLN A 18 -6.93 0.79 4.75
C GLN A 18 -7.43 -0.16 5.81
N TYR A 19 -8.22 0.37 6.70
CA TYR A 19 -8.76 -0.37 7.81
C TYR A 19 -10.19 -0.82 7.52
N SER A 1 0.78 -3.70 8.09
CA SER A 1 0.49 -4.85 7.22
C SER A 1 -0.98 -4.88 6.87
N GLY A 2 -1.41 -5.97 6.22
CA GLY A 2 -2.80 -6.10 5.84
C GLY A 2 -3.06 -5.47 4.49
N GLN A 3 -4.30 -5.12 4.23
CA GLN A 3 -4.67 -4.50 2.98
C GLN A 3 -4.24 -3.04 2.96
N LYS A 4 -3.10 -2.78 2.37
CA LYS A 4 -2.56 -1.44 2.29
C LYS A 4 -3.15 -0.67 1.12
N GLY A 5 -2.59 0.48 0.84
CA GLY A 5 -3.06 1.29 -0.25
C GLY A 5 -2.47 0.87 -1.57
N LYS A 6 -1.85 1.80 -2.25
CA LYS A 6 -1.27 1.51 -3.53
C LYS A 6 0.10 0.86 -3.40
N GLN A 7 0.12 -0.45 -3.57
CA GLN A 7 1.34 -1.20 -3.55
C GLN A 7 1.97 -1.21 -4.92
N GLN A 8 2.97 -0.39 -5.09
CA GLN A 8 3.65 -0.27 -6.36
C GLN A 8 4.68 -1.37 -6.53
N THR A 9 5.12 -1.55 -7.75
CA THR A 9 6.10 -2.54 -8.06
C THR A 9 7.51 -1.97 -8.00
N GLU A 10 7.66 -0.73 -8.49
CA GLU A 10 8.95 -0.08 -8.54
C GLU A 10 9.31 0.56 -7.20
N SER A 11 8.31 0.71 -6.35
CA SER A 11 8.48 1.31 -5.06
C SER A 11 7.49 0.71 -4.06
N LYS A 12 7.56 1.14 -2.81
CA LYS A 12 6.66 0.65 -1.78
C LYS A 12 5.27 1.25 -1.97
N GLY A 13 5.20 2.31 -2.76
CA GLY A 13 3.94 2.94 -3.03
C GLY A 13 3.64 4.04 -2.04
N SER A 14 2.70 3.79 -1.17
CA SER A 14 2.30 4.77 -0.19
C SER A 14 1.92 4.10 1.11
N PHE A 15 2.34 4.70 2.22
CA PHE A 15 2.04 4.16 3.52
C PHE A 15 0.62 4.51 3.92
N SER A 16 -0.26 3.59 3.67
CA SER A 16 -1.65 3.77 3.98
C SER A 16 -2.35 2.43 4.02
N ILE A 17 -3.15 2.22 5.03
CA ILE A 17 -3.94 1.02 5.12
C ILE A 17 -5.35 1.32 4.66
N GLN A 18 -5.82 0.57 3.69
CA GLN A 18 -7.11 0.81 3.12
C GLN A 18 -8.16 -0.08 3.72
N TYR A 19 -9.32 0.49 3.93
CA TYR A 19 -10.43 -0.20 4.52
C TYR A 19 -11.73 0.24 3.86
N SER A 1 -2.76 -5.89 9.79
CA SER A 1 -4.11 -6.35 9.45
C SER A 1 -4.77 -5.39 8.47
N GLY A 2 -5.61 -5.92 7.60
CA GLY A 2 -6.26 -5.10 6.61
C GLY A 2 -5.44 -5.01 5.34
N GLN A 3 -6.06 -4.55 4.28
CA GLN A 3 -5.38 -4.43 3.00
C GLN A 3 -4.62 -3.12 2.94
N LYS A 4 -3.36 -3.17 2.54
CA LYS A 4 -2.54 -1.97 2.45
C LYS A 4 -2.81 -1.24 1.15
N GLY A 5 -1.90 -0.35 0.78
CA GLY A 5 -2.02 0.34 -0.48
C GLY A 5 -1.60 -0.55 -1.63
N LYS A 6 -1.40 0.04 -2.78
CA LYS A 6 -1.02 -0.73 -3.95
C LYS A 6 0.44 -1.12 -3.87
N GLN A 7 0.71 -2.40 -3.67
CA GLN A 7 2.06 -2.88 -3.64
C GLN A 7 2.61 -2.89 -5.07
N GLN A 8 3.16 -1.77 -5.48
CA GLN A 8 3.69 -1.62 -6.80
C GLN A 8 5.17 -1.93 -6.83
N THR A 9 5.66 -2.31 -7.99
CA THR A 9 7.04 -2.59 -8.16
C THR A 9 7.81 -1.30 -8.38
N GLU A 10 7.16 -0.32 -8.98
CA GLU A 10 7.75 0.98 -9.21
C GLU A 10 7.99 1.70 -7.89
N SER A 11 6.95 1.78 -7.07
CA SER A 11 7.05 2.44 -5.79
C SER A 11 5.98 1.94 -4.83
N LYS A 12 6.29 1.98 -3.55
CA LYS A 12 5.36 1.56 -2.53
C LYS A 12 4.42 2.71 -2.20
N GLY A 13 4.90 3.92 -2.39
CA GLY A 13 4.10 5.09 -2.15
C GLY A 13 4.21 5.55 -0.72
N SER A 14 3.29 5.09 0.10
CA SER A 14 3.27 5.49 1.48
C SER A 14 2.80 4.34 2.35
N PHE A 15 3.14 4.39 3.63
CA PHE A 15 2.69 3.40 4.56
C PHE A 15 1.26 3.74 4.95
N SER A 16 0.32 3.15 4.25
CA SER A 16 -1.07 3.44 4.48
C SER A 16 -1.95 2.24 4.14
N ILE A 17 -2.87 1.93 5.03
CA ILE A 17 -3.78 0.84 4.82
C ILE A 17 -5.05 1.35 4.17
N GLN A 18 -5.50 0.65 3.14
CA GLN A 18 -6.65 1.06 2.38
C GLN A 18 -7.92 0.35 2.85
N TYR A 19 -8.97 1.10 2.97
CA TYR A 19 -10.25 0.58 3.40
C TYR A 19 -11.13 0.29 2.20
N SER A 1 -2.15 -2.74 9.74
CA SER A 1 -1.97 -4.00 9.00
C SER A 1 -3.16 -4.24 8.07
N GLY A 2 -3.09 -5.32 7.29
CA GLY A 2 -4.16 -5.65 6.38
C GLY A 2 -3.91 -5.15 4.98
N GLN A 3 -4.96 -4.66 4.34
CA GLN A 3 -4.88 -4.16 2.97
C GLN A 3 -4.19 -2.80 2.94
N LYS A 4 -2.99 -2.77 2.42
CA LYS A 4 -2.22 -1.53 2.35
C LYS A 4 -2.69 -0.65 1.18
N GLY A 5 -1.87 0.32 0.83
CA GLY A 5 -2.20 1.20 -0.26
C GLY A 5 -1.91 0.59 -1.62
N LYS A 6 -1.37 1.39 -2.50
CA LYS A 6 -1.08 0.92 -3.83
C LYS A 6 0.31 0.28 -3.91
N GLN A 7 0.34 -1.04 -3.92
CA GLN A 7 1.57 -1.79 -4.02
C GLN A 7 2.02 -1.86 -5.47
N GLN A 8 2.88 -0.95 -5.86
CA GLN A 8 3.41 -0.95 -7.21
C GLN A 8 4.65 -1.83 -7.29
N THR A 9 5.30 -1.84 -8.44
CA THR A 9 6.48 -2.66 -8.62
C THR A 9 7.73 -1.98 -8.06
N GLU A 10 8.03 -0.80 -8.56
CA GLU A 10 9.22 -0.08 -8.15
C GLU A 10 8.95 0.79 -6.93
N SER A 11 7.72 0.78 -6.46
CA SER A 11 7.34 1.56 -5.32
C SER A 11 6.38 0.80 -4.41
N LYS A 12 6.54 1.01 -3.11
CA LYS A 12 5.70 0.40 -2.11
C LYS A 12 4.42 1.21 -1.93
N GLY A 13 4.46 2.44 -2.39
CA GLY A 13 3.33 3.32 -2.25
C GLY A 13 3.48 4.21 -1.05
N SER A 14 2.55 4.11 -0.13
CA SER A 14 2.60 4.92 1.08
C SER A 14 2.01 4.15 2.24
N PHE A 15 2.34 4.55 3.46
CA PHE A 15 1.79 3.90 4.62
C PHE A 15 0.36 4.36 4.83
N SER A 16 -0.56 3.58 4.30
CA SER A 16 -1.97 3.85 4.41
C SER A 16 -2.76 2.59 4.09
N ILE A 17 -3.38 2.02 5.11
CA ILE A 17 -4.19 0.85 4.92
C ILE A 17 -5.56 1.25 4.43
N GLN A 18 -5.95 0.74 3.28
CA GLN A 18 -7.14 1.16 2.62
C GLN A 18 -8.37 0.45 3.13
N TYR A 19 -9.44 1.20 3.24
CA TYR A 19 -10.68 0.72 3.76
C TYR A 19 -11.85 1.20 2.92
N SER A 1 -8.87 -4.35 9.96
CA SER A 1 -8.76 -5.28 8.84
C SER A 1 -9.01 -4.57 7.52
N GLY A 2 -7.98 -4.43 6.73
CA GLY A 2 -8.11 -3.77 5.46
C GLY A 2 -6.91 -3.98 4.58
N GLN A 3 -7.03 -3.58 3.33
CA GLN A 3 -5.94 -3.71 2.38
C GLN A 3 -4.91 -2.63 2.63
N LYS A 4 -3.65 -2.97 2.50
CA LYS A 4 -2.58 -2.00 2.69
C LYS A 4 -2.50 -1.06 1.50
N GLY A 5 -1.41 -0.31 1.41
CA GLY A 5 -1.26 0.60 0.31
C GLY A 5 -0.96 -0.14 -0.97
N LYS A 6 -1.16 0.52 -2.10
CA LYS A 6 -0.92 -0.11 -3.37
C LYS A 6 0.56 -0.20 -3.63
N GLN A 7 1.10 -1.38 -3.42
CA GLN A 7 2.50 -1.63 -3.61
C GLN A 7 2.81 -1.85 -5.08
N GLN A 8 3.46 -0.88 -5.66
CA GLN A 8 3.84 -0.95 -7.06
C GLN A 8 5.14 -1.69 -7.19
N THR A 9 5.60 -1.86 -8.41
CA THR A 9 6.85 -2.50 -8.63
C THR A 9 8.00 -1.53 -8.45
N GLU A 10 7.73 -0.26 -8.74
CA GLU A 10 8.71 0.79 -8.63
C GLU A 10 8.93 1.19 -7.17
N SER A 11 7.85 1.30 -6.42
CA SER A 11 7.92 1.71 -5.04
C SER A 11 6.82 1.05 -4.22
N LYS A 12 6.84 1.30 -2.92
CA LYS A 12 5.88 0.74 -2.00
C LYS A 12 4.52 1.42 -2.14
N GLY A 13 4.51 2.54 -2.83
CA GLY A 13 3.27 3.25 -3.07
C GLY A 13 3.00 4.28 -2.01
N SER A 14 2.21 3.92 -1.03
CA SER A 14 1.83 4.84 0.01
C SER A 14 1.69 4.12 1.34
N PHE A 15 2.18 4.74 2.41
CA PHE A 15 2.08 4.15 3.73
C PHE A 15 0.71 4.44 4.32
N SER A 16 -0.22 3.52 4.09
CA SER A 16 -1.56 3.66 4.59
C SER A 16 -2.32 2.36 4.42
N ILE A 17 -3.25 2.12 5.31
CA ILE A 17 -4.13 0.98 5.19
C ILE A 17 -5.50 1.46 4.73
N GLN A 18 -5.95 0.97 3.59
CA GLN A 18 -7.19 1.40 3.02
C GLN A 18 -8.35 0.64 3.61
N TYR A 19 -9.35 1.37 4.02
CA TYR A 19 -10.52 0.81 4.65
C TYR A 19 -11.66 0.68 3.64
N SER A 1 -3.45 -5.59 10.60
CA SER A 1 -3.63 -6.60 9.56
C SER A 1 -4.94 -6.39 8.80
N GLY A 2 -4.84 -5.86 7.59
CA GLY A 2 -6.00 -5.61 6.78
C GLY A 2 -5.64 -5.38 5.33
N GLN A 3 -6.38 -4.51 4.67
CA GLN A 3 -6.12 -4.20 3.27
C GLN A 3 -5.08 -3.10 3.15
N LYS A 4 -4.02 -3.40 2.42
CA LYS A 4 -2.95 -2.43 2.20
C LYS A 4 -3.30 -1.50 1.03
N GLY A 5 -2.57 -0.40 0.93
CA GLY A 5 -2.80 0.56 -0.13
C GLY A 5 -2.22 0.11 -1.45
N LYS A 6 -2.19 1.02 -2.40
CA LYS A 6 -1.67 0.72 -3.71
C LYS A 6 -0.15 0.80 -3.70
N GLN A 7 0.49 -0.34 -3.63
CA GLN A 7 1.93 -0.39 -3.62
C GLN A 7 2.48 -0.45 -5.03
N GLN A 8 3.55 0.29 -5.26
CA GLN A 8 4.15 0.36 -6.58
C GLN A 8 5.09 -0.82 -6.81
N THR A 9 5.55 -0.95 -8.04
CA THR A 9 6.47 -1.99 -8.41
C THR A 9 7.91 -1.57 -8.11
N GLU A 10 8.22 -0.32 -8.41
CA GLU A 10 9.54 0.21 -8.17
C GLU A 10 9.70 0.58 -6.70
N SER A 11 8.92 1.55 -6.26
CA SER A 11 8.94 1.99 -4.89
C SER A 11 7.85 1.29 -4.09
N LYS A 12 7.76 1.57 -2.80
CA LYS A 12 6.76 0.94 -1.96
C LYS A 12 5.37 1.49 -2.27
N GLY A 13 5.33 2.65 -2.88
CA GLY A 13 4.08 3.24 -3.30
C GLY A 13 3.32 3.86 -2.16
N SER A 14 2.02 3.69 -2.17
CA SER A 14 1.17 4.24 -1.15
C SER A 14 1.23 3.36 0.07
N PHE A 15 2.02 3.77 1.04
CA PHE A 15 2.14 3.01 2.25
C PHE A 15 1.11 3.46 3.24
N SER A 16 -0.01 2.79 3.22
CA SER A 16 -1.09 3.07 4.11
C SER A 16 -2.06 1.90 4.10
N ILE A 17 -2.71 1.67 5.20
CA ILE A 17 -3.69 0.61 5.26
C ILE A 17 -5.06 1.19 4.95
N GLN A 18 -5.69 0.66 3.94
CA GLN A 18 -6.94 1.17 3.47
C GLN A 18 -8.12 0.43 4.05
N TYR A 19 -9.14 1.17 4.34
CA TYR A 19 -10.34 0.65 4.93
C TYR A 19 -11.55 1.40 4.40
N SER A 1 -5.78 -1.77 9.98
CA SER A 1 -5.08 -3.02 9.59
C SER A 1 -5.78 -3.68 8.41
N GLY A 2 -5.20 -4.77 7.91
CA GLY A 2 -5.79 -5.49 6.81
C GLY A 2 -5.16 -5.16 5.47
N GLN A 3 -5.98 -4.74 4.52
CA GLN A 3 -5.51 -4.45 3.17
C GLN A 3 -4.75 -3.13 3.11
N LYS A 4 -3.63 -3.14 2.41
CA LYS A 4 -2.81 -1.94 2.25
C LYS A 4 -3.33 -1.07 1.11
N GLY A 5 -2.61 0.00 0.83
CA GLY A 5 -2.98 0.90 -0.23
C GLY A 5 -2.47 0.47 -1.58
N LYS A 6 -1.95 1.41 -2.33
CA LYS A 6 -1.46 1.14 -3.67
C LYS A 6 -0.01 0.67 -3.65
N GLN A 7 0.18 -0.62 -3.87
CA GLN A 7 1.50 -1.22 -3.90
C GLN A 7 2.12 -1.08 -5.29
N GLN A 8 3.13 -0.25 -5.39
CA GLN A 8 3.82 -0.05 -6.66
C GLN A 8 4.92 -1.11 -6.82
N THR A 9 5.47 -1.20 -8.02
CA THR A 9 6.54 -2.14 -8.27
C THR A 9 7.89 -1.48 -8.16
N GLU A 10 7.94 -0.18 -8.45
CA GLU A 10 9.19 0.57 -8.43
C GLU A 10 9.49 1.10 -7.04
N SER A 11 8.56 0.89 -6.13
CA SER A 11 8.66 1.37 -4.77
C SER A 11 7.60 0.70 -3.93
N LYS A 12 7.56 1.01 -2.64
CA LYS A 12 6.58 0.44 -1.75
C LYS A 12 5.20 1.04 -2.04
N GLY A 13 5.19 2.11 -2.80
CA GLY A 13 3.96 2.73 -3.20
C GLY A 13 3.53 3.82 -2.26
N SER A 14 2.69 3.47 -1.31
CA SER A 14 2.19 4.43 -0.37
C SER A 14 1.98 3.81 0.99
N PHE A 15 2.32 4.54 2.02
CA PHE A 15 2.12 4.07 3.37
C PHE A 15 0.72 4.42 3.82
N SER A 16 -0.19 3.50 3.61
CA SER A 16 -1.56 3.68 4.00
C SER A 16 -2.31 2.36 3.95
N ILE A 17 -3.06 2.08 4.98
CA ILE A 17 -3.88 0.91 5.01
C ILE A 17 -5.30 1.28 4.60
N GLN A 18 -5.84 0.57 3.64
CA GLN A 18 -7.16 0.86 3.14
C GLN A 18 -8.22 0.11 3.91
N TYR A 19 -9.34 0.75 4.10
CA TYR A 19 -10.45 0.19 4.86
C TYR A 19 -11.36 -0.64 3.95
#